data_5U48
#
_entry.id   5U48
#
_cell.length_a   43.228
_cell.length_b   84.947
_cell.length_c   64.606
_cell.angle_alpha   90.000
_cell.angle_beta   90.000
_cell.angle_gamma   90.000
#
_symmetry.space_group_name_H-M   'P 21 21 2'
#
loop_
_entity.id
_entity.type
_entity.pdbx_description
1 polymer Transthyretin
2 non-polymer '{4-[(E)-2-(3,5-dihydroxyphenyl)ethenyl]phenyl}boronic acid'
3 water water
#
_entity_poly.entity_id   1
_entity_poly.type   'polypeptide(L)'
_entity_poly.pdbx_seq_one_letter_code
;MGPTGTGESKCPLMVKVLDAVRGSPAINVAVHVFRKAADDTWEPFASGKTSESGELHGLTTEEEFVEGIYKVEIDTKSYW
KALGISPFHEHAEVVFTANDSGPRRYTIAALLSPYSYSTTAVVTNPKE
;
_entity_poly.pdbx_strand_id   A,B
#
loop_
_chem_comp.id
_chem_comp.type
_chem_comp.name
_chem_comp.formula
S4B non-polymer '{4-[(E)-2-(3,5-dihydroxyphenyl)ethenyl]phenyl}boronic acid' 'C14 H13 B O4'
#
# COMPACT_ATOMS: atom_id res chain seq x y z
N CYS A 11 8.41 22.66 0.26
CA CYS A 11 8.26 21.25 0.64
C CYS A 11 8.01 20.38 -0.58
N PRO A 12 9.04 19.66 -1.01
CA PRO A 12 8.89 18.76 -2.18
C PRO A 12 8.12 17.48 -1.86
N LEU A 13 8.04 17.10 -0.59
CA LEU A 13 7.34 15.87 -0.22
C LEU A 13 6.64 16.10 1.10
N MET A 14 5.32 15.91 1.11
CA MET A 14 4.55 16.04 2.33
C MET A 14 3.64 14.82 2.46
N VAL A 15 3.38 14.40 3.70
CA VAL A 15 2.48 13.27 3.92
C VAL A 15 1.32 13.71 4.82
N LYS A 16 0.09 13.35 4.44
CA LYS A 16 -1.09 13.71 5.22
C LYS A 16 -1.91 12.47 5.50
N VAL A 17 -2.31 12.28 6.75
CA VAL A 17 -3.02 11.08 7.14
C VAL A 17 -4.29 11.43 7.93
N LEU A 18 -5.40 10.80 7.52
CA LEU A 18 -6.71 11.04 8.12
C LEU A 18 -7.27 9.75 8.70
N ASP A 19 -8.11 9.90 9.72
CA ASP A 19 -8.72 8.77 10.41
C ASP A 19 -10.22 8.73 10.08
N ALA A 20 -10.66 7.63 9.43
CA ALA A 20 -12.04 7.49 8.98
C ALA A 20 -12.99 6.98 10.05
N VAL A 21 -12.47 6.56 11.19
CA VAL A 21 -13.29 6.07 12.30
C VAL A 21 -13.68 7.24 13.20
N ARG A 22 -12.73 8.12 13.46
CA ARG A 22 -12.94 9.25 14.35
C ARG A 22 -13.28 10.55 13.63
N GLY A 23 -13.09 10.61 12.32
CA GLY A 23 -13.33 11.85 11.60
C GLY A 23 -12.36 12.94 12.00
N SER A 24 -11.07 12.59 12.02
CA SER A 24 -10.05 13.48 12.53
CA SER A 24 -10.05 13.49 12.52
C SER A 24 -8.77 13.29 11.73
N PRO A 25 -7.84 14.24 11.86
CA PRO A 25 -6.49 13.92 11.39
C PRO A 25 -5.99 12.72 12.20
N ALA A 26 -5.10 11.95 11.60
CA ALA A 26 -4.43 10.87 12.30
C ALA A 26 -3.10 11.43 12.85
N ILE A 27 -3.04 11.61 14.17
CA ILE A 27 -1.95 12.33 14.82
C ILE A 27 -0.92 11.33 15.32
N ASN A 28 0.35 11.71 15.25
CA ASN A 28 1.46 10.90 15.78
CA ASN A 28 1.45 10.90 15.79
C ASN A 28 1.64 9.58 15.06
N VAL A 29 1.34 9.58 13.76
CA VAL A 29 1.59 8.40 12.93
C VAL A 29 3.04 8.43 12.43
N ALA A 30 3.78 7.37 12.70
CA ALA A 30 5.16 7.25 12.22
C ALA A 30 5.19 6.99 10.73
N VAL A 31 6.11 7.66 10.04
CA VAL A 31 6.28 7.54 8.60
C VAL A 31 7.76 7.36 8.28
N HIS A 32 8.09 6.35 7.50
CA HIS A 32 9.46 6.11 7.06
C HIS A 32 9.54 6.15 5.54
N VAL A 33 10.51 6.90 5.01
CA VAL A 33 10.69 6.99 3.57
C VAL A 33 12.00 6.32 3.21
N PHE A 34 11.96 5.49 2.16
CA PHE A 34 13.14 4.80 1.64
C PHE A 34 13.32 5.16 0.18
N ARG A 35 14.54 5.01 -0.32
CA ARG A 35 14.86 5.27 -1.73
C ARG A 35 15.65 4.10 -2.26
N LYS A 36 15.29 3.60 -3.44
CA LYS A 36 15.98 2.45 -4.02
C LYS A 36 17.39 2.84 -4.46
N ALA A 37 18.38 2.09 -3.99
CA ALA A 37 19.78 2.34 -4.30
C ALA A 37 20.19 1.62 -5.58
N ALA A 38 21.43 1.84 -6.00
CA ALA A 38 21.93 1.28 -7.25
C ALA A 38 21.92 -0.25 -7.23
N ASP A 39 22.05 -0.83 -6.05
CA ASP A 39 22.05 -2.28 -5.92
C ASP A 39 20.67 -2.87 -5.66
N ASP A 40 19.63 -2.07 -5.92
CA ASP A 40 18.25 -2.54 -5.81
C ASP A 40 17.76 -2.74 -4.38
N THR A 41 18.54 -2.32 -3.40
CA THR A 41 18.09 -2.37 -2.02
C THR A 41 17.40 -1.07 -1.63
N TRP A 42 16.54 -1.13 -0.60
CA TRP A 42 15.90 0.06 -0.07
C TRP A 42 16.80 0.73 0.95
N GLU A 43 17.21 1.96 0.67
CA GLU A 43 18.00 2.72 1.64
C GLU A 43 17.11 3.66 2.45
N PRO A 44 17.35 3.77 3.76
CA PRO A 44 16.60 4.77 4.54
CA PRO A 44 16.61 4.77 4.55
C PRO A 44 16.86 6.18 4.02
N PHE A 45 15.79 6.96 3.84
CA PHE A 45 15.89 8.28 3.26
C PHE A 45 15.46 9.40 4.20
N ALA A 46 14.31 9.23 4.86
CA ALA A 46 13.86 10.25 5.81
C ALA A 46 12.80 9.61 6.68
N SER A 47 12.54 10.17 7.86
CA SER A 47 11.39 9.72 8.65
C SER A 47 10.86 10.84 9.53
N GLY A 48 9.66 10.63 10.08
CA GLY A 48 9.05 11.60 10.97
C GLY A 48 7.70 11.10 11.45
N LYS A 49 6.94 11.97 12.13
CA LYS A 49 5.59 11.58 12.51
C LYS A 49 4.62 12.72 12.25
N THR A 50 3.35 12.37 12.07
CA THR A 50 2.36 13.40 11.78
C THR A 50 2.04 14.28 12.98
N SER A 51 1.75 15.52 12.67
CA SER A 51 1.41 16.55 13.66
C SER A 51 -0.06 16.46 14.06
N GLU A 52 -0.48 17.43 14.86
CA GLU A 52 -1.87 17.52 15.29
C GLU A 52 -2.83 17.71 14.12
N SER A 53 -2.32 18.17 12.98
CA SER A 53 -3.14 18.36 11.79
C SER A 53 -3.05 17.16 10.84
N GLY A 54 -2.35 16.10 11.28
CA GLY A 54 -2.20 14.90 10.46
C GLY A 54 -1.17 15.07 9.36
N GLU A 55 -0.39 16.15 9.43
CA GLU A 55 0.58 16.44 8.40
C GLU A 55 2.02 16.22 8.84
N LEU A 56 2.85 15.83 7.88
CA LEU A 56 4.27 15.66 8.14
C LEU A 56 5.01 16.46 7.08
N HIS A 57 5.64 17.53 7.54
CA HIS A 57 6.40 18.44 6.69
C HIS A 57 7.90 18.30 7.00
N GLY A 58 8.73 18.75 6.07
CA GLY A 58 10.15 18.85 6.30
C GLY A 58 10.92 17.55 6.20
N LEU A 59 10.35 16.55 5.54
CA LEU A 59 11.04 15.29 5.35
C LEU A 59 12.34 15.45 4.55
N THR A 60 12.31 16.30 3.54
CA THR A 60 13.46 16.43 2.64
C THR A 60 13.57 17.84 2.08
N THR A 61 14.54 18.05 1.20
CA THR A 61 14.76 19.35 0.58
C THR A 61 14.74 19.18 -0.93
N GLU A 62 14.56 20.28 -1.64
CA GLU A 62 14.65 20.25 -3.10
C GLU A 62 15.97 19.63 -3.58
N GLU A 63 17.08 19.96 -2.92
CA GLU A 63 18.39 19.46 -3.36
CA GLU A 63 18.39 19.47 -3.35
C GLU A 63 18.54 17.96 -3.13
N GLU A 64 18.03 17.47 -2.00
CA GLU A 64 18.22 16.08 -1.63
C GLU A 64 17.25 15.13 -2.33
N PHE A 65 16.08 15.66 -2.70
CA PHE A 65 15.02 14.85 -3.30
C PHE A 65 15.21 14.69 -4.80
N VAL A 66 16.21 13.89 -5.14
CA VAL A 66 16.56 13.65 -6.54
C VAL A 66 15.66 12.61 -7.19
N GLU A 67 15.81 12.43 -8.49
CA GLU A 67 15.12 11.38 -9.22
C GLU A 67 15.35 10.04 -8.51
N GLY A 68 14.33 9.20 -8.43
CA GLY A 68 14.52 7.87 -7.88
C GLY A 68 13.19 7.18 -7.64
N ILE A 69 13.24 5.95 -7.17
CA ILE A 69 12.05 5.24 -6.74
C ILE A 69 12.00 5.29 -5.22
N TYR A 70 10.89 5.82 -4.70
CA TYR A 70 10.73 6.05 -3.27
C TYR A 70 9.61 5.19 -2.72
N LYS A 71 9.78 4.78 -1.47
CA LYS A 71 8.72 4.09 -0.74
C LYS A 71 8.41 4.86 0.52
N VAL A 72 7.13 5.19 0.68
CA VAL A 72 6.65 5.86 1.88
C VAL A 72 5.87 4.83 2.68
N GLU A 73 6.40 4.46 3.85
CA GLU A 73 5.77 3.47 4.72
C GLU A 73 5.09 4.19 5.88
N ILE A 74 3.78 4.01 5.99
CA ILE A 74 2.99 4.64 7.04
C ILE A 74 2.65 3.58 8.08
N ASP A 75 3.07 3.78 9.31
CA ASP A 75 2.88 2.74 10.34
CA ASP A 75 2.90 2.74 10.32
C ASP A 75 1.48 2.76 10.94
N THR A 76 0.54 2.23 10.16
CA THR A 76 -0.87 2.22 10.54
C THR A 76 -1.14 1.26 11.70
N LYS A 77 -0.39 0.15 11.77
CA LYS A 77 -0.66 -0.83 12.82
C LYS A 77 -0.44 -0.23 14.21
N SER A 78 0.67 0.48 14.39
CA SER A 78 0.95 1.09 15.70
C SER A 78 -0.10 2.16 16.05
N TYR A 79 -0.51 2.92 15.05
CA TYR A 79 -1.57 3.90 15.24
C TYR A 79 -2.85 3.27 15.81
N TRP A 80 -3.32 2.19 15.19
CA TRP A 80 -4.57 1.57 15.61
C TRP A 80 -4.44 0.88 16.97
N LYS A 81 -3.30 0.26 17.21
CA LYS A 81 -3.14 -0.48 18.47
C LYS A 81 -3.23 0.45 19.68
N ALA A 82 -2.72 1.66 19.53
CA ALA A 82 -2.75 2.64 20.62
C ALA A 82 -4.18 3.08 20.93
N LEU A 83 -5.08 2.92 19.97
CA LEU A 83 -6.48 3.25 20.18
C LEU A 83 -7.27 2.02 20.64
N GLY A 84 -6.57 0.92 20.86
CA GLY A 84 -7.20 -0.31 21.32
C GLY A 84 -7.84 -1.12 20.22
N ILE A 85 -7.46 -0.84 18.97
CA ILE A 85 -7.97 -1.59 17.84
C ILE A 85 -6.89 -2.47 17.28
N SER A 86 -7.24 -3.72 17.00
CA SER A 86 -6.33 -4.66 16.35
CA SER A 86 -6.33 -4.66 16.35
C SER A 86 -6.65 -4.65 14.85
N PRO A 87 -5.79 -3.98 14.06
CA PRO A 87 -6.09 -3.77 12.65
C PRO A 87 -5.58 -4.89 11.76
N PHE A 88 -5.99 -4.84 10.50
CA PHE A 88 -5.64 -5.90 9.55
C PHE A 88 -4.21 -5.74 9.01
N HIS A 89 -3.87 -4.54 8.58
CA HIS A 89 -2.60 -4.33 7.89
C HIS A 89 -1.41 -4.07 8.80
N GLU A 90 -0.23 -4.45 8.35
CA GLU A 90 0.99 -4.14 9.07
C GLU A 90 1.36 -2.67 8.93
N HIS A 91 1.17 -2.16 7.72
CA HIS A 91 1.40 -0.76 7.42
C HIS A 91 0.79 -0.48 6.07
N ALA A 92 0.86 0.77 5.64
CA ALA A 92 0.42 1.12 4.31
C ALA A 92 1.65 1.62 3.57
N GLU A 93 1.93 1.04 2.41
CA GLU A 93 3.12 1.39 1.64
C GLU A 93 2.71 2.09 0.37
N VAL A 94 3.46 3.13 0.02
CA VAL A 94 3.21 3.87 -1.19
C VAL A 94 4.53 3.93 -1.96
N VAL A 95 4.60 3.30 -3.14
CA VAL A 95 5.86 3.22 -3.89
C VAL A 95 5.70 3.89 -5.23
N PHE A 96 6.63 4.79 -5.57
CA PHE A 96 6.47 5.63 -6.77
C PHE A 96 7.81 6.16 -7.27
N THR A 97 7.88 6.40 -8.58
CA THR A 97 9.02 7.11 -9.14
C THR A 97 8.78 8.61 -9.01
N ALA A 98 9.80 9.33 -8.55
CA ALA A 98 9.69 10.77 -8.38
C ALA A 98 10.68 11.51 -9.25
N ASN A 99 10.26 12.67 -9.75
CA ASN A 99 11.12 13.66 -10.37
C ASN A 99 11.79 13.24 -11.67
N ASP A 100 11.21 12.25 -12.34
CA ASP A 100 11.85 11.78 -13.57
C ASP A 100 11.55 12.65 -14.80
N SER A 101 10.66 13.62 -14.65
CA SER A 101 10.44 14.63 -15.68
C SER A 101 10.78 16.00 -15.12
N GLY A 102 11.71 16.05 -14.18
CA GLY A 102 12.02 17.28 -13.48
C GLY A 102 11.32 17.36 -12.13
N PRO A 103 11.74 18.32 -11.31
CA PRO A 103 11.23 18.49 -9.94
C PRO A 103 9.72 18.70 -9.88
N ARG A 104 9.07 17.96 -9.00
CA ARG A 104 7.66 18.15 -8.71
C ARG A 104 7.47 18.20 -7.20
N ARG A 105 6.33 18.74 -6.77
CA ARG A 105 5.93 18.70 -5.36
C ARG A 105 4.93 17.56 -5.19
N TYR A 106 5.17 16.72 -4.19
CA TYR A 106 4.33 15.54 -3.95
C TYR A 106 3.64 15.59 -2.60
N THR A 107 2.31 15.49 -2.60
CA THR A 107 1.55 15.21 -1.39
C THR A 107 1.03 13.78 -1.46
N ILE A 108 1.42 12.98 -0.47
CA ILE A 108 0.92 11.61 -0.32
C ILE A 108 -0.11 11.61 0.80
N ALA A 109 -1.38 11.34 0.46
CA ALA A 109 -2.45 11.34 1.45
C ALA A 109 -2.94 9.93 1.69
N ALA A 110 -3.34 9.63 2.91
CA ALA A 110 -3.92 8.34 3.21
C ALA A 110 -5.09 8.51 4.15
N LEU A 111 -6.15 7.76 3.92
CA LEU A 111 -7.34 7.76 4.77
C LEU A 111 -7.48 6.38 5.36
N LEU A 112 -7.43 6.28 6.70
CA LEU A 112 -7.29 5.00 7.37
C LEU A 112 -8.55 4.47 8.07
N SER A 113 -8.80 3.18 7.92
CA SER A 113 -9.77 2.42 8.75
C SER A 113 -9.08 1.14 9.23
N PRO A 114 -9.63 0.47 10.24
CA PRO A 114 -8.90 -0.69 10.76
C PRO A 114 -8.67 -1.82 9.74
N TYR A 115 -9.59 -2.06 8.81
CA TYR A 115 -9.41 -3.15 7.83
C TYR A 115 -9.29 -2.64 6.39
N SER A 116 -9.04 -1.35 6.22
CA SER A 116 -9.02 -0.76 4.90
CA SER A 116 -8.99 -0.77 4.88
C SER A 116 -8.26 0.57 4.90
N TYR A 117 -7.68 0.93 3.77
CA TYR A 117 -7.17 2.29 3.62
C TYR A 117 -7.23 2.70 2.16
N SER A 118 -7.27 4.01 1.95
CA SER A 118 -7.23 4.63 0.64
CA SER A 118 -7.13 4.52 0.61
C SER A 118 -5.98 5.50 0.61
N THR A 119 -5.32 5.61 -0.53
CA THR A 119 -4.22 6.54 -0.66
C THR A 119 -4.28 7.21 -2.01
N THR A 120 -3.91 8.48 -2.06
CA THR A 120 -3.84 9.21 -3.31
C THR A 120 -2.60 10.11 -3.30
N ALA A 121 -2.23 10.60 -4.49
CA ALA A 121 -1.13 11.54 -4.60
C ALA A 121 -1.61 12.80 -5.28
N VAL A 122 -1.14 13.95 -4.80
CA VAL A 122 -1.34 15.22 -5.49
C VAL A 122 0.05 15.68 -5.94
N VAL A 123 0.22 15.78 -7.24
CA VAL A 123 1.52 16.07 -7.84
C VAL A 123 1.42 17.40 -8.57
N THR A 124 2.22 18.37 -8.16
CA THR A 124 2.17 19.67 -8.79
C THR A 124 3.53 20.13 -9.32
N ASN A 125 3.49 20.93 -10.39
CA ASN A 125 4.70 21.49 -10.98
C ASN A 125 4.84 22.95 -10.54
N PRO A 126 5.87 23.23 -9.73
CA PRO A 126 6.08 24.57 -9.19
C PRO A 126 6.51 25.56 -10.27
N CYS B 11 -10.35 -22.43 -0.51
CA CYS B 11 -9.88 -21.12 -0.95
C CYS B 11 -9.77 -20.17 0.24
N PRO B 12 -8.68 -20.29 1.00
CA PRO B 12 -8.47 -19.44 2.17
C PRO B 12 -8.05 -18.00 1.79
N LEU B 13 -7.62 -17.79 0.55
CA LEU B 13 -7.12 -16.49 0.11
C LEU B 13 -7.54 -16.19 -1.33
N MET B 14 -8.27 -15.10 -1.53
CA MET B 14 -8.69 -14.68 -2.86
C MET B 14 -8.32 -13.20 -3.01
N VAL B 15 -7.99 -12.79 -4.22
CA VAL B 15 -7.69 -11.40 -4.50
C VAL B 15 -8.62 -10.88 -5.58
N LYS B 16 -9.20 -9.70 -5.36
CA LYS B 16 -10.15 -9.12 -6.30
C LYS B 16 -9.72 -7.70 -6.64
N VAL B 17 -9.63 -7.38 -7.93
CA VAL B 17 -9.13 -6.08 -8.38
C VAL B 17 -10.14 -5.42 -9.31
N LEU B 18 -10.45 -4.16 -9.03
CA LEU B 18 -11.49 -3.40 -9.76
C LEU B 18 -10.88 -2.14 -10.32
N ASP B 19 -11.46 -1.66 -11.42
CA ASP B 19 -11.00 -0.48 -12.15
C ASP B 19 -12.02 0.65 -11.92
N ALA B 20 -11.57 1.71 -11.28
CA ALA B 20 -12.42 2.83 -10.91
C ALA B 20 -12.60 3.86 -12.01
N VAL B 21 -11.80 3.73 -13.06
CA VAL B 21 -11.86 4.63 -14.20
C VAL B 21 -12.92 4.14 -15.18
N ARG B 22 -12.86 2.85 -15.49
CA ARG B 22 -13.77 2.25 -16.48
C ARG B 22 -14.97 1.55 -15.85
N GLY B 23 -14.98 1.36 -14.53
CA GLY B 23 -16.11 0.74 -13.88
C GLY B 23 -16.24 -0.73 -14.22
N SER B 24 -15.15 -1.46 -14.07
CA SER B 24 -15.07 -2.82 -14.55
C SER B 24 -14.12 -3.60 -13.67
N PRO B 25 -14.16 -4.93 -13.77
CA PRO B 25 -13.08 -5.70 -13.17
C PRO B 25 -11.78 -5.30 -13.85
N ALA B 26 -10.68 -5.44 -13.12
CA ALA B 26 -9.36 -5.25 -13.68
C ALA B 26 -8.82 -6.61 -14.09
N ILE B 27 -8.79 -6.85 -15.40
CA ILE B 27 -8.51 -8.16 -15.96
C ILE B 27 -7.04 -8.31 -16.37
N ASN B 28 -6.51 -9.53 -16.15
CA ASN B 28 -5.14 -9.86 -16.52
CA ASN B 28 -5.14 -9.85 -16.53
C ASN B 28 -4.09 -9.04 -15.78
N VAL B 29 -4.38 -8.71 -14.53
CA VAL B 29 -3.44 -8.03 -13.66
C VAL B 29 -2.56 -9.05 -12.94
N ALA B 30 -1.24 -8.88 -13.02
CA ALA B 30 -0.34 -9.77 -12.29
C ALA B 30 -0.38 -9.49 -10.79
N VAL B 31 -0.44 -10.57 -10.02
CA VAL B 31 -0.49 -10.49 -8.57
C VAL B 31 0.51 -11.49 -8.01
N HIS B 32 1.39 -11.02 -7.13
CA HIS B 32 2.34 -11.89 -6.44
C HIS B 32 2.13 -11.86 -4.94
N VAL B 33 2.17 -13.03 -4.32
CA VAL B 33 2.02 -13.13 -2.88
C VAL B 33 3.35 -13.62 -2.30
N PHE B 34 3.78 -13.00 -1.22
CA PHE B 34 5.03 -13.37 -0.55
C PHE B 34 4.73 -13.64 0.92
N ARG B 35 5.54 -14.50 1.54
CA ARG B 35 5.43 -14.72 2.98
C ARG B 35 6.75 -14.29 3.61
N LYS B 36 6.67 -13.62 4.75
CA LYS B 36 7.88 -13.13 5.40
C LYS B 36 8.64 -14.29 6.02
N ALA B 37 9.93 -14.38 5.71
CA ALA B 37 10.75 -15.47 6.24
C ALA B 37 11.42 -15.06 7.55
N ALA B 38 12.04 -16.03 8.22
CA ALA B 38 12.68 -15.79 9.51
C ALA B 38 13.76 -14.70 9.45
N ASP B 39 14.40 -14.58 8.30
CA ASP B 39 15.44 -13.57 8.11
C ASP B 39 14.89 -12.21 7.67
N ASP B 40 13.57 -12.07 7.74
CA ASP B 40 12.89 -10.82 7.38
C ASP B 40 12.96 -10.51 5.90
N THR B 41 13.12 -11.54 5.08
CA THR B 41 13.11 -11.36 3.64
C THR B 41 11.79 -11.88 3.06
N TRP B 42 11.35 -11.31 1.95
CA TRP B 42 10.11 -11.72 1.31
C TRP B 42 10.33 -12.88 0.35
N GLU B 43 9.81 -14.05 0.71
CA GLU B 43 9.91 -15.19 -0.20
C GLU B 43 8.62 -15.42 -0.97
N PRO B 44 8.75 -15.67 -2.29
CA PRO B 44 7.59 -15.94 -3.15
C PRO B 44 6.75 -17.08 -2.59
N PHE B 45 5.43 -16.90 -2.62
CA PHE B 45 4.50 -17.84 -2.01
C PHE B 45 3.48 -18.36 -3.02
N ALA B 46 2.95 -17.44 -3.83
CA ALA B 46 1.97 -17.78 -4.86
C ALA B 46 1.83 -16.59 -5.79
N SER B 47 1.38 -16.83 -7.01
CA SER B 47 1.09 -15.74 -7.93
C SER B 47 0.11 -16.17 -9.04
N GLY B 48 -0.39 -15.19 -9.78
CA GLY B 48 -1.25 -15.46 -10.91
C GLY B 48 -1.70 -14.17 -11.56
N LYS B 49 -2.67 -14.26 -12.46
CA LYS B 49 -3.22 -13.10 -13.16
C LYS B 49 -4.72 -13.09 -12.91
N THR B 50 -5.29 -11.91 -12.68
CA THR B 50 -6.73 -11.88 -12.43
C THR B 50 -7.52 -12.32 -13.67
N SER B 51 -8.66 -12.93 -13.42
CA SER B 51 -9.56 -13.44 -14.43
C SER B 51 -10.41 -12.33 -15.04
N GLU B 52 -11.34 -12.72 -15.90
CA GLU B 52 -12.28 -11.79 -16.50
C GLU B 52 -13.19 -11.10 -15.48
N SER B 53 -13.31 -11.69 -14.30
CA SER B 53 -14.13 -11.09 -13.25
C SER B 53 -13.25 -10.31 -12.27
N GLY B 54 -11.98 -10.13 -12.62
CA GLY B 54 -11.04 -9.43 -11.77
C GLY B 54 -10.58 -10.22 -10.56
N GLU B 55 -10.85 -11.53 -10.56
CA GLU B 55 -10.58 -12.35 -9.39
C GLU B 55 -9.42 -13.32 -9.61
N LEU B 56 -8.69 -13.59 -8.54
CA LEU B 56 -7.62 -14.58 -8.58
C LEU B 56 -7.86 -15.59 -7.46
N HIS B 57 -8.24 -16.81 -7.87
CA HIS B 57 -8.53 -17.91 -6.95
C HIS B 57 -7.41 -18.95 -7.01
N GLY B 58 -7.42 -19.90 -6.07
CA GLY B 58 -6.50 -21.03 -6.12
C GLY B 58 -5.06 -20.70 -5.79
N LEU B 59 -4.82 -19.60 -5.11
CA LEU B 59 -3.47 -19.20 -4.73
C LEU B 59 -2.83 -20.15 -3.73
N THR B 60 -3.63 -20.64 -2.79
CA THR B 60 -3.10 -21.50 -1.74
C THR B 60 -4.15 -22.47 -1.20
N THR B 61 -3.76 -23.23 -0.19
CA THR B 61 -4.65 -24.19 0.44
C THR B 61 -4.68 -23.93 1.94
N GLU B 62 -5.69 -24.47 2.63
CA GLU B 62 -5.77 -24.34 4.07
C GLU B 62 -4.50 -24.83 4.75
N GLU B 63 -3.96 -25.96 4.27
CA GLU B 63 -2.76 -26.52 4.85
C GLU B 63 -1.53 -25.62 4.71
N GLU B 64 -1.37 -24.98 3.56
CA GLU B 64 -0.18 -24.16 3.31
CA GLU B 64 -0.18 -24.16 3.31
C GLU B 64 -0.29 -22.76 3.92
N PHE B 65 -1.52 -22.28 4.08
CA PHE B 65 -1.73 -20.90 4.53
C PHE B 65 -1.72 -20.74 6.05
N VAL B 66 -0.54 -20.91 6.65
CA VAL B 66 -0.40 -20.83 8.10
C VAL B 66 -0.29 -19.38 8.57
N GLU B 67 -0.42 -19.16 9.88
CA GLU B 67 -0.24 -17.83 10.46
C GLU B 67 1.11 -17.27 10.03
N GLY B 68 1.18 -15.95 9.86
CA GLY B 68 2.40 -15.33 9.41
C GLY B 68 2.11 -13.99 8.78
N ILE B 69 3.15 -13.32 8.30
CA ILE B 69 3.00 -12.04 7.64
C ILE B 69 3.10 -12.25 6.13
N TYR B 70 2.10 -11.75 5.42
CA TYR B 70 2.03 -11.91 3.98
C TYR B 70 1.99 -10.56 3.28
N LYS B 71 2.54 -10.53 2.07
CA LYS B 71 2.46 -9.36 1.21
C LYS B 71 1.84 -9.73 -0.12
N VAL B 72 0.82 -8.97 -0.51
CA VAL B 72 0.20 -9.11 -1.82
C VAL B 72 0.63 -7.92 -2.65
N GLU B 73 1.33 -8.18 -3.76
CA GLU B 73 1.79 -7.10 -4.64
C GLU B 73 1.00 -7.16 -5.94
N ILE B 74 0.35 -6.06 -6.28
CA ILE B 74 -0.49 -5.99 -7.47
C ILE B 74 0.21 -5.10 -8.50
N ASP B 75 0.44 -5.62 -9.70
CA ASP B 75 1.18 -4.87 -10.71
C ASP B 75 0.26 -3.88 -11.41
N THR B 76 -0.03 -2.79 -10.70
CA THR B 76 -0.91 -1.74 -11.20
C THR B 76 -0.29 -0.95 -12.35
N LYS B 77 1.04 -0.78 -12.32
CA LYS B 77 1.69 0.05 -13.32
C LYS B 77 1.52 -0.52 -14.73
N SER B 78 1.69 -1.83 -14.88
CA SER B 78 1.52 -2.50 -16.17
C SER B 78 0.09 -2.40 -16.67
N TYR B 79 -0.87 -2.47 -15.73
CA TYR B 79 -2.27 -2.38 -16.07
C TYR B 79 -2.59 -1.04 -16.71
N TRP B 80 -2.16 0.06 -16.08
CA TRP B 80 -2.43 1.39 -16.60
C TRP B 80 -1.66 1.66 -17.90
N LYS B 81 -0.42 1.18 -17.96
CA LYS B 81 0.39 1.37 -19.17
C LYS B 81 -0.27 0.70 -20.37
N ALA B 82 -0.85 -0.47 -20.15
CA ALA B 82 -1.56 -1.18 -21.22
C ALA B 82 -2.77 -0.39 -21.74
N LEU B 83 -3.23 0.57 -20.96
CA LEU B 83 -4.36 1.41 -21.33
C LEU B 83 -3.96 2.81 -21.79
N GLY B 84 -2.66 3.06 -21.91
CA GLY B 84 -2.18 4.37 -22.33
C GLY B 84 -2.29 5.45 -21.28
N ILE B 85 -2.47 5.03 -20.03
CA ILE B 85 -2.60 5.99 -18.93
C ILE B 85 -1.35 5.98 -18.06
N SER B 86 -0.81 7.15 -17.78
CA SER B 86 0.39 7.27 -16.96
C SER B 86 0.00 7.20 -15.48
N PRO B 87 0.49 6.19 -14.76
CA PRO B 87 0.07 6.07 -13.36
C PRO B 87 1.15 6.54 -12.40
N PHE B 88 0.74 6.67 -11.15
CA PHE B 88 1.62 7.20 -10.12
C PHE B 88 2.46 6.09 -9.49
N HIS B 89 1.82 4.97 -9.14
CA HIS B 89 2.47 3.96 -8.30
C HIS B 89 3.26 2.94 -9.12
N GLU B 90 4.36 2.44 -8.55
CA GLU B 90 5.07 1.33 -9.15
C GLU B 90 4.24 0.05 -9.06
N HIS B 91 3.51 -0.09 -7.97
CA HIS B 91 2.58 -1.19 -7.77
C HIS B 91 1.76 -0.88 -6.53
N ALA B 92 0.80 -1.72 -6.19
CA ALA B 92 0.06 -1.58 -4.94
C ALA B 92 0.45 -2.77 -4.06
N GLU B 93 0.78 -2.52 -2.80
CA GLU B 93 1.20 -3.58 -1.89
C GLU B 93 0.27 -3.63 -0.69
N VAL B 94 -0.11 -4.85 -0.31
CA VAL B 94 -0.98 -5.03 0.83
C VAL B 94 -0.28 -6.00 1.77
N VAL B 95 0.03 -5.54 2.98
CA VAL B 95 0.83 -6.33 3.92
C VAL B 95 0.01 -6.53 5.18
N PHE B 96 -0.14 -7.79 5.59
CA PHE B 96 -1.04 -8.14 6.68
C PHE B 96 -0.59 -9.41 7.41
N THR B 97 -1.12 -9.62 8.61
CA THR B 97 -0.87 -10.88 9.32
C THR B 97 -2.09 -11.78 9.20
N ALA B 98 -1.86 -13.04 8.87
CA ALA B 98 -2.93 -14.03 8.93
C ALA B 98 -2.97 -14.58 10.36
N ASN B 99 -4.16 -14.60 10.96
CA ASN B 99 -4.32 -15.06 12.34
C ASN B 99 -5.39 -16.14 12.47
N ASP B 100 -5.07 -17.22 13.18
CA ASP B 100 -6.03 -18.29 13.43
C ASP B 100 -6.92 -17.90 14.60
N SER B 101 -8.21 -17.77 14.33
CA SER B 101 -9.17 -17.33 15.33
C SER B 101 -10.53 -17.88 14.93
N GLY B 102 -10.58 -19.20 14.75
CA GLY B 102 -11.72 -19.83 14.13
C GLY B 102 -11.44 -19.88 12.63
N PRO B 103 -12.33 -20.56 11.88
CA PRO B 103 -12.18 -20.68 10.43
C PRO B 103 -12.26 -19.31 9.76
N ARG B 104 -11.20 -18.93 9.03
CA ARG B 104 -11.18 -17.64 8.34
C ARG B 104 -10.86 -17.78 6.85
N ARG B 105 -11.64 -17.10 6.02
CA ARG B 105 -11.33 -16.96 4.61
C ARG B 105 -11.02 -15.48 4.36
N TYR B 106 -9.98 -15.19 3.59
CA TYR B 106 -9.54 -13.81 3.37
C TYR B 106 -9.74 -13.39 1.92
N THR B 107 -10.49 -12.32 1.71
CA THR B 107 -10.55 -11.68 0.41
C THR B 107 -9.86 -10.34 0.52
N ILE B 108 -8.83 -10.15 -0.29
CA ILE B 108 -8.12 -8.87 -0.38
C ILE B 108 -8.64 -8.19 -1.64
N ALA B 109 -9.35 -7.08 -1.48
CA ALA B 109 -9.86 -6.34 -2.62
C ALA B 109 -9.10 -5.02 -2.80
N ALA B 110 -8.95 -4.62 -4.05
CA ALA B 110 -8.30 -3.37 -4.40
C ALA B 110 -9.07 -2.66 -5.50
N LEU B 111 -9.28 -1.36 -5.33
CA LEU B 111 -9.99 -0.53 -6.29
C LEU B 111 -9.00 0.49 -6.83
N LEU B 112 -8.70 0.41 -8.13
CA LEU B 112 -7.58 1.13 -8.72
C LEU B 112 -7.96 2.37 -9.53
N SER B 113 -7.22 3.46 -9.29
CA SER B 113 -7.21 4.63 -10.18
C SER B 113 -5.78 4.97 -10.54
N PRO B 114 -5.57 5.83 -11.55
CA PRO B 114 -4.17 6.08 -11.94
C PRO B 114 -3.30 6.69 -10.83
N TYR B 115 -3.84 7.57 -10.01
CA TYR B 115 -3.06 8.20 -8.94
C TYR B 115 -3.50 7.82 -7.53
N SER B 116 -4.31 6.78 -7.41
CA SER B 116 -4.87 6.41 -6.13
CA SER B 116 -4.85 6.39 -6.12
C SER B 116 -5.31 4.95 -6.11
N TYR B 117 -5.34 4.35 -4.94
CA TYR B 117 -6.03 3.08 -4.79
C TYR B 117 -6.58 2.94 -3.40
N SER B 118 -7.64 2.15 -3.29
CA SER B 118 -8.08 1.76 -1.97
CA SER B 118 -8.24 1.76 -2.02
C SER B 118 -8.08 0.24 -1.88
N THR B 119 -7.92 -0.24 -0.66
CA THR B 119 -7.91 -1.68 -0.47
C THR B 119 -8.65 -2.01 0.82
N THR B 120 -9.33 -3.14 0.81
CA THR B 120 -9.99 -3.60 2.02
C THR B 120 -9.83 -5.10 2.15
N ALA B 121 -10.05 -5.61 3.36
CA ALA B 121 -10.03 -7.05 3.58
C ALA B 121 -11.43 -7.46 4.01
N VAL B 122 -11.93 -8.53 3.41
CA VAL B 122 -13.18 -9.13 3.85
C VAL B 122 -12.85 -10.50 4.42
N VAL B 123 -12.97 -10.63 5.74
CA VAL B 123 -12.52 -11.82 6.45
C VAL B 123 -13.73 -12.49 7.06
N THR B 124 -14.04 -13.70 6.58
CA THR B 124 -15.28 -14.37 6.97
C THR B 124 -15.05 -15.82 7.41
N ASN B 125 -16.10 -16.42 7.95
CA ASN B 125 -16.07 -17.82 8.38
C ASN B 125 -16.77 -18.72 7.38
C01 S4B C . -7.20 18.15 3.34
C02 S4B C . -6.49 17.46 2.39
C03 S4B C . -6.90 16.18 2.01
C04 S4B C . -8.02 15.62 2.59
C05 S4B C . -8.73 16.33 3.53
C06 S4B C . -8.33 17.60 3.92
C07 S4B C . -8.51 14.23 2.18
C08 S4B C . -7.99 13.47 1.20
C09 S4B C . -8.52 12.09 0.83
C10 S4B C . -7.65 11.07 0.51
C11 S4B C . -8.15 9.82 0.16
C12 S4B C . -9.53 9.59 0.12
C13 S4B C . -10.38 10.63 0.44
C14 S4B C . -9.89 11.87 0.78
O01 S4B C . -11.77 10.43 0.40
O02 S4B C . -7.27 8.78 -0.16
O03 S4B C . -7.38 20.31 4.92
O04 S4B C . -5.70 20.36 3.09
B01 S4B C . -6.73 19.68 3.81
C01 S4B D . -16.58 -8.44 -3.94
C02 S4B D . -16.90 -7.31 -4.68
C03 S4B D . -16.36 -6.08 -4.33
C04 S4B D . -15.49 -5.99 -3.26
C05 S4B D . -15.16 -7.12 -2.52
C06 S4B D . -15.71 -8.34 -2.87
C07 S4B D . -14.89 -4.66 -2.86
C08 S4B D . -15.21 -3.47 -3.39
C09 S4B D . -14.61 -2.14 -2.99
C10 S4B D . -15.35 -0.99 -3.14
C11 S4B D . -14.82 0.22 -2.77
C12 S4B D . -13.55 0.30 -2.23
C13 S4B D . -12.80 -0.86 -2.09
C14 S4B D . -13.35 -2.08 -2.46
O01 S4B D . -11.50 -0.83 -1.55
O02 S4B D . -15.60 1.39 -2.93
O03 S4B D . -18.57 -10.01 -4.79
O04 S4B D . -16.41 -11.08 -4.26
B01 S4B D . -17.22 -9.91 -4.35
#